data_2K90
#
_entry.id   2K90
#
_entity_poly.entity_id   1
_entity_poly.type   'polydeoxyribonucleotide'
_entity_poly.pdbx_seq_one_letter_code
;(DT)(DG)(DC)(DT)(DT)(DC)(DG)(DT)
;
_entity_poly.pdbx_strand_id   A,B
#